data_4QW9
#
_entry.id   4QW9
#
_cell.length_a   96.800
_cell.length_b   101.900
_cell.length_c   52.540
_cell.angle_alpha   90.00
_cell.angle_beta   90.00
_cell.angle_gamma   90.00
#
_symmetry.space_group_name_H-M   'P 21 21 2'
#
loop_
_entity.id
_entity.type
_entity.pdbx_description
1 polymer 'DNA polymerase IV'
2 polymer "DNA (5'-D(P*GP*GP*CP*TP*AP*CP*AP*GP*GP*AP*CP*TP*C)-3')"
3 polymer "DNA (5'-D(P*CP*AP*GP*GP*AP*GP*TP*CP*CP*TP*GP*TP*AP*GP*CP*C)-3')"
4 non-polymer '[[[[(2R,5S)-5-(4-azanyl-5-fluoranyl-2-oxidanylidene-pyrimidin-1-yl)-1,3-oxathiolan-2-yl]methoxy-oxidanyl-phosphoryl]oxy -oxidanyl-phosphoryl]amino]phosphonic acid'
5 non-polymer 'CALCIUM ION'
6 water water
#
loop_
_entity_poly.entity_id
_entity_poly.type
_entity_poly.pdbx_seq_one_letter_code
_entity_poly.pdbx_strand_id
1 'polypeptide(L)'
;MIVLFVDFDYFYAQVEEVLNPSLKGKPVVVCVFSGRFEDSGAVATANYEARKFGVKAGIPIVEAKKILPNAVYLPMRKEV
YQQVSSRIMNLLREYSEKIEIASIDEAYLDISDKVRDYREAYNLGLEIKNKILEKEKITVTVGISKNKVFAKIAADMAKP
NGIKVIDDEEVKRLIRELDIADVPGIGNITAEKLKKLGINKLVDTLSIEFDKLKGMIGEAKAKYLISLARDEYNEPIRTR
VRKSIGRIVTMKRNSRNLEEIKPYLFRAIEESYYKLDKRIPKAIHVVAVTEDLDIVSRGRTFPHGISKETAYSESVKLLQ
KILEEDERKIRRIGVRFSKFILEHHHHHH
;
A
2 'polydeoxyribonucleotide' (DG)(DG)(DC)(DT)(DA)(DC)(DA)(DG)(DG)(DA)(DC)(DT)(DC) C
3 'polydeoxyribonucleotide' (DC)(DA)(DG)(DG)(DA)(DG)(DT)(DC)(DC)(DT)(DG)(DT)(DA)(DG)(DC)(DC) D
#
loop_
_chem_comp.id
_chem_comp.type
_chem_comp.name
_chem_comp.formula
0G4 non-polymer '[[[[(2R,5S)-5-(4-azanyl-5-fluoranyl-2-oxidanylidene-pyrimidin-1-yl)-1,3-oxathiolan-2-yl]methoxy-oxidanyl-phosphoryl]oxy -oxidanyl-phosphoryl]amino]phosphonic acid' 'C8 H14 F N4 O11 P3 S'
CA non-polymer 'CALCIUM ION' 'Ca 2'
DA DNA linking 2'-DEOXYADENOSINE-5'-MONOPHOSPHATE 'C10 H14 N5 O6 P'
DC DNA linking 2'-DEOXYCYTIDINE-5'-MONOPHOSPHATE 'C9 H14 N3 O7 P'
DG DNA linking 2'-DEOXYGUANOSINE-5'-MONOPHOSPHATE 'C10 H14 N5 O7 P'
DT DNA linking THYMIDINE-5'-MONOPHOSPHATE 'C10 H15 N2 O8 P'
#
# COMPACT_ATOMS: atom_id res chain seq x y z
N MET A 1 -5.13 14.74 19.97
CA MET A 1 -4.07 13.76 20.36
C MET A 1 -2.73 13.97 19.63
N ILE A 2 -1.87 12.96 19.66
CA ILE A 2 -0.60 13.05 18.95
C ILE A 2 -0.22 11.75 18.28
N VAL A 3 -0.14 11.81 16.96
CA VAL A 3 0.21 10.65 16.16
C VAL A 3 1.58 10.87 15.56
N LEU A 4 2.40 9.83 15.61
CA LEU A 4 3.74 9.89 15.07
C LEU A 4 3.78 8.75 14.05
N PHE A 5 3.76 9.13 12.78
CA PHE A 5 3.76 8.19 11.67
C PHE A 5 5.19 7.84 11.28
N VAL A 6 5.43 6.57 11.00
CA VAL A 6 6.76 6.11 10.62
C VAL A 6 6.71 5.44 9.25
N ASP A 7 7.60 5.87 8.36
CA ASP A 7 7.66 5.32 7.02
C ASP A 7 9.13 4.97 6.65
N PHE A 8 9.39 3.71 6.33
CA PHE A 8 10.73 3.27 5.99
C PHE A 8 11.12 3.80 4.61
N ASP A 9 12.36 4.17 4.40
CA ASP A 9 12.79 4.68 3.10
C ASP A 9 13.16 3.62 2.06
N TYR A 10 12.64 3.79 0.84
CA TYR A 10 12.94 2.88 -0.28
C TYR A 10 13.09 1.49 0.29
N PHE A 11 12.27 1.20 1.30
CA PHE A 11 12.32 -0.05 2.01
C PHE A 11 12.83 -1.27 1.27
N TYR A 12 12.14 -1.72 0.23
CA TYR A 12 12.63 -2.90 -0.50
C TYR A 12 14.07 -2.65 -0.97
N ALA A 13 14.30 -1.49 -1.57
CA ALA A 13 15.63 -1.18 -2.05
C ALA A 13 16.62 -1.11 -0.92
N GLN A 14 16.30 -0.35 0.13
CA GLN A 14 17.22 -0.21 1.26
C GLN A 14 17.53 -1.55 1.93
N VAL A 15 16.52 -2.41 2.07
CA VAL A 15 16.77 -3.70 2.70
C VAL A 15 17.89 -4.36 1.90
N GLU A 16 17.67 -4.51 0.59
CA GLU A 16 18.65 -5.12 -0.30
C GLU A 16 20.01 -4.46 -0.06
N GLU A 17 19.97 -3.14 0.13
CA GLU A 17 21.17 -2.37 0.35
C GLU A 17 21.84 -2.73 1.67
N VAL A 18 21.05 -3.07 2.67
CA VAL A 18 21.61 -3.43 3.96
C VAL A 18 22.33 -4.76 3.86
N LEU A 19 21.71 -5.71 3.17
CA LEU A 19 22.29 -7.04 3.00
C LEU A 19 23.55 -7.04 2.11
N ASN A 20 23.57 -6.17 1.11
CA ASN A 20 24.72 -6.06 0.21
C ASN A 20 25.10 -4.59 0.15
N PRO A 21 25.85 -4.12 1.16
CA PRO A 21 26.25 -2.72 1.22
C PRO A 21 27.04 -2.15 0.04
N SER A 22 27.52 -2.99 -0.87
CA SER A 22 28.28 -2.43 -1.99
C SER A 22 27.32 -1.73 -2.95
N LEU A 23 26.02 -2.02 -2.77
CA LEU A 23 24.96 -1.44 -3.59
C LEU A 23 24.79 0.03 -3.26
N LYS A 24 25.30 0.38 -2.09
CA LYS A 24 25.21 1.74 -1.58
C LYS A 24 25.69 2.78 -2.61
N GLY A 25 24.90 3.83 -2.80
CA GLY A 25 25.29 4.87 -3.73
C GLY A 25 24.82 4.71 -5.16
N LYS A 26 24.48 3.48 -5.55
CA LYS A 26 24.02 3.21 -6.91
C LYS A 26 22.51 3.14 -7.02
N PRO A 27 21.99 3.27 -8.25
CA PRO A 27 20.54 3.21 -8.44
C PRO A 27 20.07 1.76 -8.34
N VAL A 28 19.34 1.44 -7.28
CA VAL A 28 18.82 0.08 -7.12
C VAL A 28 17.34 0.08 -7.55
N VAL A 29 16.95 -0.94 -8.29
CA VAL A 29 15.58 -1.07 -8.77
C VAL A 29 15.08 -2.50 -8.54
N VAL A 30 14.16 -2.65 -7.59
CA VAL A 30 13.59 -3.96 -7.27
C VAL A 30 12.39 -4.17 -8.19
N CYS A 31 12.39 -5.27 -8.93
CA CYS A 31 11.31 -5.47 -9.86
C CYS A 31 10.59 -6.79 -9.65
N VAL A 32 9.49 -6.92 -10.38
CA VAL A 32 8.63 -8.10 -10.38
C VAL A 32 8.71 -8.64 -11.80
N PHE A 33 9.49 -9.71 -11.96
CA PHE A 33 9.67 -10.36 -13.25
C PHE A 33 8.49 -11.30 -13.52
N SER A 34 7.77 -11.08 -14.63
CA SER A 34 6.59 -11.89 -14.94
C SER A 34 6.88 -13.22 -15.68
N GLY A 35 8.08 -13.36 -16.22
CA GLY A 35 8.43 -14.60 -16.91
C GLY A 35 8.01 -14.66 -18.37
N ARG A 36 7.07 -13.81 -18.77
CA ARG A 36 6.62 -13.80 -20.16
C ARG A 36 7.76 -13.68 -21.17
N PHE A 37 8.76 -12.86 -20.85
CA PHE A 37 9.90 -12.69 -21.74
C PHE A 37 11.02 -11.90 -21.06
N GLU A 38 12.20 -11.92 -21.67
CA GLU A 38 13.36 -11.21 -21.14
C GLU A 38 12.94 -9.81 -20.66
N ASP A 39 12.99 -9.59 -19.35
CA ASP A 39 12.65 -8.31 -18.74
C ASP A 39 11.17 -7.87 -18.70
N SER A 40 10.25 -8.80 -18.88
CA SER A 40 8.83 -8.46 -18.82
C SER A 40 8.51 -8.26 -17.34
N GLY A 41 7.62 -7.32 -17.05
CA GLY A 41 7.29 -7.05 -15.66
C GLY A 41 7.23 -5.57 -15.35
N ALA A 42 7.10 -5.24 -14.07
CA ALA A 42 7.02 -3.84 -13.66
C ALA A 42 7.91 -3.57 -12.46
N VAL A 43 8.04 -2.31 -12.09
CA VAL A 43 8.88 -1.95 -10.96
C VAL A 43 8.13 -1.91 -9.64
N ALA A 44 8.70 -2.57 -8.64
CA ALA A 44 8.11 -2.58 -7.30
C ALA A 44 8.52 -1.29 -6.59
N THR A 45 9.82 -1.01 -6.57
CA THR A 45 10.34 0.19 -5.94
C THR A 45 11.73 0.51 -6.49
N ALA A 46 12.25 1.70 -6.18
CA ALA A 46 13.57 2.11 -6.63
C ALA A 46 14.10 3.04 -5.55
N ASN A 47 15.40 3.00 -5.28
CA ASN A 47 15.92 3.90 -4.26
C ASN A 47 15.94 5.32 -4.83
N TYR A 48 16.27 6.30 -3.99
CA TYR A 48 16.27 7.70 -4.45
C TYR A 48 17.20 7.94 -5.64
N GLU A 49 18.29 7.17 -5.71
CA GLU A 49 19.25 7.31 -6.80
C GLU A 49 18.62 7.01 -8.15
N ALA A 50 17.87 5.92 -8.21
CA ALA A 50 17.22 5.52 -9.43
C ALA A 50 16.08 6.50 -9.67
N ARG A 51 15.43 6.88 -8.59
CA ARG A 51 14.29 7.77 -8.65
C ARG A 51 14.46 9.14 -9.25
N LYS A 52 15.55 9.81 -8.92
CA LYS A 52 15.77 11.14 -9.43
C LYS A 52 15.82 11.20 -10.95
N PHE A 53 15.91 10.04 -11.60
CA PHE A 53 15.94 10.03 -13.05
C PHE A 53 14.62 9.56 -13.64
N GLY A 54 13.59 9.42 -12.82
CA GLY A 54 12.30 9.02 -13.32
C GLY A 54 11.91 7.57 -13.12
N VAL A 55 12.82 6.74 -12.62
CA VAL A 55 12.50 5.34 -12.40
C VAL A 55 11.62 5.22 -11.17
N LYS A 56 10.35 4.89 -11.37
CA LYS A 56 9.41 4.76 -10.25
C LYS A 56 8.59 3.48 -10.30
N ALA A 57 8.01 3.13 -9.17
CA ALA A 57 7.18 1.92 -9.06
C ALA A 57 6.04 1.99 -10.04
N GLY A 58 5.63 0.83 -10.54
CA GLY A 58 4.51 0.80 -11.46
C GLY A 58 4.86 0.86 -12.93
N ILE A 59 6.06 1.30 -13.29
CA ILE A 59 6.40 1.34 -14.71
C ILE A 59 7.06 0.02 -15.13
N PRO A 60 7.06 -0.28 -16.44
CA PRO A 60 7.64 -1.51 -16.98
C PRO A 60 9.16 -1.53 -16.80
N ILE A 61 9.69 -2.71 -16.52
CA ILE A 61 11.13 -2.87 -16.32
C ILE A 61 11.91 -2.47 -17.55
N VAL A 62 11.34 -2.73 -18.73
CA VAL A 62 11.98 -2.37 -20.00
C VAL A 62 12.20 -0.84 -20.04
N GLU A 63 11.20 -0.07 -19.62
CA GLU A 63 11.34 1.37 -19.58
C GLU A 63 12.49 1.77 -18.68
N ALA A 64 12.47 1.26 -17.46
CA ALA A 64 13.50 1.58 -16.49
C ALA A 64 14.89 1.34 -17.07
N LYS A 65 15.04 0.29 -17.86
CA LYS A 65 16.34 -0.03 -18.41
C LYS A 65 16.83 0.95 -19.48
N LYS A 66 15.89 1.61 -20.16
CA LYS A 66 16.27 2.60 -21.15
C LYS A 66 16.84 3.79 -20.38
N ILE A 67 16.06 4.32 -19.45
CA ILE A 67 16.53 5.45 -18.66
C ILE A 67 17.82 5.13 -17.90
N LEU A 68 17.91 3.93 -17.32
CA LEU A 68 19.11 3.57 -16.56
C LEU A 68 19.65 2.19 -16.87
N PRO A 69 20.19 2.01 -18.07
CA PRO A 69 20.76 0.74 -18.52
C PRO A 69 21.71 0.04 -17.55
N ASN A 70 22.49 0.79 -16.78
CA ASN A 70 23.43 0.16 -15.86
C ASN A 70 23.01 0.18 -14.40
N ALA A 71 21.70 0.24 -14.17
CA ALA A 71 21.19 0.24 -12.81
C ALA A 71 21.14 -1.21 -12.36
N VAL A 72 21.26 -1.43 -11.07
CA VAL A 72 21.16 -2.78 -10.53
C VAL A 72 19.69 -3.11 -10.57
N TYR A 73 19.36 -4.25 -11.14
CA TYR A 73 17.96 -4.68 -11.21
C TYR A 73 17.90 -5.98 -10.44
N LEU A 74 17.29 -5.92 -9.26
CA LEU A 74 17.16 -7.08 -8.40
C LEU A 74 15.71 -7.58 -8.38
N PRO A 75 15.52 -8.91 -8.26
CA PRO A 75 14.15 -9.46 -8.23
C PRO A 75 13.59 -9.39 -6.82
N MET A 76 12.30 -9.12 -6.70
CA MET A 76 11.68 -9.01 -5.39
C MET A 76 11.85 -10.20 -4.46
N ARG A 77 12.23 -9.92 -3.22
CA ARG A 77 12.39 -10.96 -2.20
C ARG A 77 11.54 -10.49 -0.99
N LYS A 78 10.23 -10.51 -1.18
CA LYS A 78 9.29 -10.02 -0.16
C LYS A 78 9.32 -10.66 1.22
N GLU A 79 9.68 -11.94 1.28
CA GLU A 79 9.72 -12.60 2.57
C GLU A 79 10.89 -12.08 3.44
N VAL A 80 11.94 -11.57 2.79
CA VAL A 80 13.08 -11.01 3.53
C VAL A 80 12.70 -9.64 4.08
N TYR A 81 12.00 -8.84 3.26
CA TYR A 81 11.58 -7.51 3.69
C TYR A 81 10.56 -7.64 4.80
N GLN A 82 9.80 -8.74 4.76
CA GLN A 82 8.79 -8.97 5.79
C GLN A 82 9.43 -9.37 7.12
N GLN A 83 10.44 -10.23 7.09
CA GLN A 83 11.10 -10.57 8.34
C GLN A 83 11.76 -9.34 8.90
N VAL A 84 12.25 -8.51 8.00
CA VAL A 84 12.89 -7.25 8.39
C VAL A 84 11.89 -6.24 8.92
N SER A 85 10.79 -6.07 8.21
CA SER A 85 9.74 -5.19 8.67
C SER A 85 9.24 -5.60 10.06
N SER A 86 8.97 -6.88 10.25
CA SER A 86 8.49 -7.35 11.56
C SER A 86 9.39 -6.94 12.70
N ARG A 87 10.68 -7.07 12.50
CA ARG A 87 11.60 -6.69 13.54
C ARG A 87 11.50 -5.25 13.89
N ILE A 88 11.32 -4.41 12.89
CA ILE A 88 11.20 -2.98 13.13
C ILE A 88 9.88 -2.60 13.83
N MET A 89 8.82 -3.34 13.55
CA MET A 89 7.54 -3.05 14.17
C MET A 89 7.62 -3.33 15.66
N ASN A 90 8.20 -4.47 16.01
CA ASN A 90 8.36 -4.84 17.41
C ASN A 90 9.12 -3.77 18.18
N LEU A 91 10.04 -3.08 17.51
CA LEU A 91 10.78 -2.02 18.19
C LEU A 91 9.82 -0.87 18.47
N LEU A 92 9.02 -0.51 17.46
CA LEU A 92 8.06 0.58 17.61
C LEU A 92 7.08 0.33 18.76
N ARG A 93 6.77 -0.94 19.00
CA ARG A 93 5.84 -1.31 20.08
C ARG A 93 6.45 -0.85 21.39
N GLU A 94 7.77 -0.99 21.47
CA GLU A 94 8.52 -0.58 22.63
C GLU A 94 8.27 0.90 22.99
N TYR A 95 7.66 1.65 22.06
CA TYR A 95 7.38 3.08 22.24
C TYR A 95 5.92 3.44 22.45
N SER A 96 5.04 2.46 22.32
CA SER A 96 3.60 2.65 22.51
C SER A 96 2.87 1.42 22.05
N GLU A 97 1.82 1.02 22.78
CA GLU A 97 1.06 -0.17 22.42
C GLU A 97 -0.14 0.20 21.56
N LYS A 98 -0.38 1.51 21.45
CA LYS A 98 -1.46 2.03 20.60
C LYS A 98 -0.67 2.28 19.32
N ILE A 99 -0.48 1.18 18.58
CA ILE A 99 0.32 1.18 17.38
C ILE A 99 -0.45 0.54 16.21
N GLU A 100 -0.56 1.27 15.10
CA GLU A 100 -1.27 0.71 13.96
C GLU A 100 -0.35 0.44 12.80
N ILE A 101 -0.15 -0.84 12.48
CA ILE A 101 0.68 -1.19 11.34
C ILE A 101 -0.21 -1.20 10.11
N ALA A 102 -0.08 -0.16 9.29
CA ALA A 102 -0.87 -0.02 8.07
C ALA A 102 -0.34 -0.86 6.94
N SER A 103 0.98 -1.07 6.90
CA SER A 103 1.55 -1.88 5.85
C SER A 103 2.90 -2.40 6.26
N ILE A 104 3.54 -3.13 5.35
CA ILE A 104 4.84 -3.69 5.64
C ILE A 104 5.81 -2.55 5.78
N ASP A 105 5.35 -1.37 5.43
CA ASP A 105 6.19 -0.20 5.40
C ASP A 105 5.82 0.98 6.31
N GLU A 106 4.62 0.96 6.88
CA GLU A 106 4.21 2.08 7.71
C GLU A 106 3.57 1.67 9.00
N ALA A 107 3.77 2.51 10.01
CA ALA A 107 3.22 2.27 11.32
C ALA A 107 2.75 3.57 11.94
N TYR A 108 1.61 3.54 12.61
CA TYR A 108 1.11 4.72 13.28
C TYR A 108 1.23 4.48 14.78
N LEU A 109 1.76 5.46 15.49
CA LEU A 109 1.88 5.34 16.93
C LEU A 109 1.15 6.52 17.58
N ASP A 110 0.18 6.19 18.43
CA ASP A 110 -0.54 7.23 19.17
C ASP A 110 0.30 7.50 20.41
N ILE A 111 1.02 8.62 20.41
CA ILE A 111 1.86 8.94 21.56
C ILE A 111 1.23 10.02 22.44
N SER A 112 -0.09 10.09 22.40
CA SER A 112 -0.83 11.07 23.19
C SER A 112 -0.48 11.03 24.66
N ASP A 113 -0.15 9.84 25.18
CA ASP A 113 0.21 9.70 26.60
C ASP A 113 1.68 9.41 26.86
N LYS A 114 2.57 10.07 26.10
CA LYS A 114 4.00 9.87 26.27
C LYS A 114 4.67 11.23 26.22
N VAL A 115 4.28 12.05 25.25
CA VAL A 115 4.81 13.40 25.15
C VAL A 115 3.71 14.39 25.54
N ARG A 116 4.08 15.49 26.19
CA ARG A 116 3.13 16.50 26.64
C ARG A 116 2.78 17.43 25.49
N ASP A 117 3.77 17.72 24.67
CA ASP A 117 3.59 18.59 23.52
C ASP A 117 4.38 18.05 22.34
N TYR A 118 4.39 18.80 21.24
CA TYR A 118 5.10 18.38 20.05
C TYR A 118 6.62 18.40 20.22
N ARG A 119 7.10 19.01 21.32
CA ARG A 119 8.54 19.10 21.56
C ARG A 119 9.13 17.76 22.01
N GLU A 120 8.59 17.17 23.07
CA GLU A 120 9.09 15.87 23.49
C GLU A 120 8.78 14.92 22.34
N ALA A 121 7.72 15.24 21.60
CA ALA A 121 7.26 14.46 20.46
C ALA A 121 8.39 14.36 19.43
N TYR A 122 8.76 15.51 18.88
CA TYR A 122 9.84 15.61 17.91
C TYR A 122 11.02 14.85 18.45
N ASN A 123 11.23 14.99 19.76
CA ASN A 123 12.33 14.31 20.41
C ASN A 123 12.16 12.80 20.39
N LEU A 124 10.94 12.32 20.67
CA LEU A 124 10.67 10.89 20.65
C LEU A 124 10.83 10.41 19.21
N GLY A 125 10.58 11.31 18.26
CA GLY A 125 10.73 10.96 16.86
C GLY A 125 12.20 10.65 16.61
N LEU A 126 13.07 11.56 17.04
CA LEU A 126 14.50 11.38 16.89
C LEU A 126 14.96 10.13 17.60
N GLU A 127 14.47 9.92 18.83
CA GLU A 127 14.87 8.74 19.58
C GLU A 127 14.56 7.44 18.83
N ILE A 128 13.48 7.44 18.04
CA ILE A 128 13.07 6.25 17.30
C ILE A 128 13.86 6.03 16.01
N LYS A 129 14.19 7.12 15.32
CA LYS A 129 14.93 7.01 14.07
C LYS A 129 16.28 6.39 14.41
N ASN A 130 16.85 6.87 15.51
CA ASN A 130 18.14 6.38 15.98
C ASN A 130 18.06 4.92 16.39
N LYS A 131 17.01 4.57 17.12
CA LYS A 131 16.84 3.21 17.60
C LYS A 131 16.83 2.25 16.42
N ILE A 132 16.04 2.60 15.40
CA ILE A 132 15.91 1.76 14.20
C ILE A 132 17.20 1.78 13.40
N LEU A 133 17.95 2.88 13.51
CA LEU A 133 19.21 3.00 12.79
C LEU A 133 20.26 2.13 13.45
N GLU A 134 20.32 2.15 14.77
CA GLU A 134 21.31 1.34 15.48
C GLU A 134 20.97 -0.14 15.53
N LYS A 135 19.69 -0.46 15.31
CA LYS A 135 19.20 -1.85 15.38
C LYS A 135 19.22 -2.59 14.06
N GLU A 136 18.71 -1.92 13.03
CA GLU A 136 18.60 -2.52 11.72
C GLU A 136 19.29 -1.74 10.60
N LYS A 137 19.75 -0.54 10.93
CA LYS A 137 20.42 0.30 9.93
C LYS A 137 19.49 0.60 8.78
N ILE A 138 18.34 1.16 9.12
CA ILE A 138 17.36 1.54 8.13
C ILE A 138 16.96 2.96 8.42
N THR A 139 16.94 3.78 7.38
CA THR A 139 16.54 5.16 7.55
C THR A 139 15.02 5.14 7.45
N VAL A 140 14.37 6.02 8.20
CA VAL A 140 12.92 6.11 8.16
C VAL A 140 12.59 7.58 8.21
N THR A 141 11.40 7.95 7.78
CA THR A 141 10.98 9.32 7.85
C THR A 141 9.86 9.33 8.87
N VAL A 142 9.85 10.35 9.71
CA VAL A 142 8.86 10.47 10.77
C VAL A 142 7.96 11.67 10.55
N GLY A 143 6.65 11.43 10.60
CA GLY A 143 5.70 12.51 10.45
C GLY A 143 4.89 12.64 11.73
N ILE A 144 4.86 13.82 12.33
CA ILE A 144 4.11 14.03 13.57
C ILE A 144 2.99 15.06 13.43
N SER A 145 1.86 14.80 14.09
CA SER A 145 0.75 15.73 14.06
C SER A 145 -0.45 15.30 14.89
N LYS A 146 -1.54 16.07 14.79
CA LYS A 146 -2.74 15.81 15.59
C LYS A 146 -3.56 14.61 15.15
N ASN A 147 -3.58 14.30 13.85
CA ASN A 147 -4.30 13.12 13.42
C ASN A 147 -3.41 12.29 12.49
N LYS A 148 -3.93 11.16 12.02
CA LYS A 148 -3.14 10.29 11.15
C LYS A 148 -2.83 10.84 9.78
N VAL A 149 -3.84 11.49 9.21
CA VAL A 149 -3.66 12.05 7.88
C VAL A 149 -2.52 13.06 7.79
N PHE A 150 -2.50 14.02 8.70
CA PHE A 150 -1.44 15.02 8.66
C PHE A 150 -0.07 14.50 9.07
N ALA A 151 -0.04 13.46 9.88
CA ALA A 151 1.23 12.87 10.28
C ALA A 151 1.85 12.22 9.03
N LYS A 152 1.00 11.53 8.26
CA LYS A 152 1.41 10.86 7.05
C LYS A 152 1.90 11.92 6.07
N ILE A 153 1.11 12.98 5.93
CA ILE A 153 1.46 14.09 5.03
C ILE A 153 2.75 14.74 5.51
N ALA A 154 2.87 14.91 6.81
CA ALA A 154 4.08 15.48 7.37
C ALA A 154 5.24 14.66 6.81
N ALA A 155 5.15 13.34 6.97
CA ALA A 155 6.19 12.44 6.48
C ALA A 155 6.40 12.52 4.98
N ASP A 156 5.33 12.60 4.21
CA ASP A 156 5.48 12.69 2.76
C ASP A 156 6.40 13.88 2.48
N MET A 157 6.07 15.00 3.11
CA MET A 157 6.80 16.25 2.97
C MET A 157 8.26 16.24 3.42
N ALA A 158 8.64 15.32 4.29
CA ALA A 158 10.01 15.31 4.79
C ALA A 158 10.95 14.24 4.28
N LYS A 159 10.42 13.25 3.59
CA LYS A 159 11.31 12.18 3.15
C LYS A 159 12.33 12.57 2.09
N PRO A 160 13.48 11.86 2.09
CA PRO A 160 13.69 10.79 3.06
C PRO A 160 14.56 11.05 4.29
N ASN A 161 14.68 10.01 5.11
CA ASN A 161 15.43 10.09 6.36
C ASN A 161 15.10 11.43 7.00
N GLY A 162 13.81 11.75 7.06
CA GLY A 162 13.42 13.01 7.65
C GLY A 162 12.64 12.86 8.93
N ILE A 163 11.96 13.95 9.28
CA ILE A 163 11.12 14.04 10.46
C ILE A 163 10.58 15.46 10.53
N LYS A 164 9.29 15.61 10.28
CA LYS A 164 8.68 16.91 10.31
C LYS A 164 7.47 16.94 11.24
N VAL A 165 7.20 18.12 11.78
CA VAL A 165 6.08 18.30 12.69
C VAL A 165 5.15 19.28 12.02
N ILE A 166 3.86 19.07 12.20
CA ILE A 166 2.87 19.96 11.64
C ILE A 166 1.92 20.31 12.77
N ASP A 167 2.14 21.49 13.35
CA ASP A 167 1.31 21.97 14.46
C ASP A 167 -0.06 22.40 13.96
N ASP A 168 -0.95 22.64 14.92
CA ASP A 168 -2.32 23.07 14.67
C ASP A 168 -2.37 24.27 13.71
N GLU A 169 -1.40 25.17 13.85
CA GLU A 169 -1.34 26.35 13.01
C GLU A 169 -1.16 25.95 11.54
N GLU A 170 -0.16 25.13 11.26
CA GLU A 170 0.08 24.68 9.89
C GLU A 170 -1.07 23.83 9.34
N VAL A 171 -1.79 23.16 10.23
CA VAL A 171 -2.90 22.34 9.80
C VAL A 171 -3.95 23.22 9.15
N LYS A 172 -4.09 24.44 9.64
CA LYS A 172 -5.03 25.37 9.04
C LYS A 172 -4.37 25.94 7.80
N ARG A 173 -3.06 26.12 7.90
CA ARG A 173 -2.24 26.64 6.81
C ARG A 173 -2.46 25.71 5.62
N LEU A 174 -2.27 24.43 5.86
CA LEU A 174 -2.42 23.39 4.84
C LEU A 174 -3.86 23.22 4.36
N ILE A 175 -4.80 23.30 5.27
CA ILE A 175 -6.20 23.16 4.89
C ILE A 175 -6.52 24.17 3.81
N ARG A 176 -5.84 25.31 3.86
CA ARG A 176 -6.05 26.39 2.90
C ARG A 176 -5.13 26.35 1.67
N GLU A 177 -3.91 25.87 1.84
CA GLU A 177 -2.97 25.84 0.71
C GLU A 177 -2.63 24.48 0.10
N LEU A 178 -2.32 23.50 0.95
CA LEU A 178 -1.98 22.14 0.48
C LEU A 178 -2.84 21.70 -0.68
N ASP A 179 -2.21 21.16 -1.71
CA ASP A 179 -2.94 20.70 -2.89
C ASP A 179 -3.78 19.47 -2.53
N ILE A 180 -5.09 19.56 -2.75
CA ILE A 180 -6.01 18.50 -2.39
C ILE A 180 -5.72 17.17 -3.05
N ALA A 181 -5.05 17.19 -4.20
CA ALA A 181 -4.72 15.94 -4.85
C ALA A 181 -3.64 15.28 -3.98
N ASP A 182 -2.93 16.08 -3.20
CA ASP A 182 -1.89 15.58 -2.29
C ASP A 182 -2.38 14.94 -0.99
N VAL A 183 -3.69 14.92 -0.82
CA VAL A 183 -4.33 14.33 0.36
C VAL A 183 -4.57 12.82 0.27
N PRO A 184 -4.04 12.06 1.24
CA PRO A 184 -4.19 10.60 1.28
C PRO A 184 -5.61 10.19 0.93
N GLY A 185 -5.73 9.35 -0.09
CA GLY A 185 -7.02 8.85 -0.53
C GLY A 185 -7.56 9.52 -1.76
N ILE A 186 -6.84 10.53 -2.24
CA ILE A 186 -7.27 11.24 -3.45
C ILE A 186 -6.36 10.92 -4.63
N GLY A 187 -6.86 10.05 -5.51
CA GLY A 187 -6.11 9.66 -6.68
C GLY A 187 -6.52 10.54 -7.85
N ASN A 188 -5.88 10.34 -8.99
CA ASN A 188 -6.21 11.14 -10.18
C ASN A 188 -7.70 11.21 -10.49
N ILE A 189 -8.38 10.08 -10.50
CA ILE A 189 -9.79 10.12 -10.82
C ILE A 189 -10.59 11.04 -9.92
N THR A 190 -10.43 10.88 -8.62
CA THR A 190 -11.15 11.72 -7.68
C THR A 190 -10.65 13.15 -7.79
N ALA A 191 -9.33 13.30 -7.86
CA ALA A 191 -8.71 14.62 -7.98
C ALA A 191 -9.28 15.39 -9.16
N GLU A 192 -9.34 14.77 -10.34
CA GLU A 192 -9.90 15.44 -11.50
C GLU A 192 -11.25 15.97 -11.06
N LYS A 193 -12.16 15.05 -10.78
CA LYS A 193 -13.49 15.38 -10.33
C LYS A 193 -13.50 16.56 -9.37
N LEU A 194 -12.64 16.48 -8.37
CA LEU A 194 -12.57 17.55 -7.40
C LEU A 194 -12.22 18.84 -8.15
N LYS A 195 -10.95 18.97 -8.55
CA LYS A 195 -10.48 20.15 -9.29
C LYS A 195 -11.21 20.25 -10.62
N LYS A 196 -12.49 19.95 -10.61
CA LYS A 196 -13.34 20.03 -11.77
C LYS A 196 -14.45 20.93 -11.30
N LEU A 197 -14.33 21.32 -10.04
CA LEU A 197 -15.29 22.21 -9.41
C LEU A 197 -14.54 23.22 -8.56
N GLY A 198 -13.36 23.61 -9.05
CA GLY A 198 -12.54 24.58 -8.34
C GLY A 198 -11.68 23.87 -7.32
N ILE A 199 -12.36 23.12 -6.44
CA ILE A 199 -11.72 22.35 -5.38
C ILE A 199 -10.28 22.03 -5.77
N ASN A 200 -9.34 22.69 -5.13
CA ASN A 200 -7.92 22.48 -5.40
C ASN A 200 -7.28 22.45 -4.02
N LYS A 201 -8.13 22.77 -3.06
CA LYS A 201 -7.77 22.85 -1.64
C LYS A 201 -8.90 22.27 -0.78
N LEU A 202 -8.52 21.64 0.33
CA LEU A 202 -9.47 21.05 1.28
C LEU A 202 -10.62 21.97 1.63
N VAL A 203 -10.29 23.16 2.10
CA VAL A 203 -11.30 24.13 2.50
C VAL A 203 -12.40 24.34 1.47
N ASP A 204 -12.07 24.19 0.20
CA ASP A 204 -13.09 24.41 -0.80
C ASP A 204 -14.30 23.52 -0.66
N THR A 205 -14.14 22.40 0.03
CA THR A 205 -15.24 21.45 0.25
C THR A 205 -16.17 22.04 1.30
N LEU A 206 -15.64 23.04 2.02
CA LEU A 206 -16.41 23.70 3.06
C LEU A 206 -17.42 24.65 2.44
N SER A 207 -17.04 25.27 1.32
CA SER A 207 -17.90 26.22 0.63
C SER A 207 -19.03 25.60 -0.19
N ILE A 208 -18.68 24.65 -1.05
CA ILE A 208 -19.65 23.99 -1.92
C ILE A 208 -20.78 23.25 -1.23
N GLU A 209 -21.86 23.04 -1.98
CA GLU A 209 -23.04 22.32 -1.49
C GLU A 209 -22.71 20.84 -1.32
N PHE A 210 -23.04 20.28 -0.16
CA PHE A 210 -22.73 18.88 0.13
C PHE A 210 -23.11 17.88 -0.95
N ASP A 211 -24.37 17.91 -1.36
CA ASP A 211 -24.88 17.01 -2.39
C ASP A 211 -24.13 17.14 -3.71
N LYS A 212 -23.66 18.34 -4.00
CA LYS A 212 -22.92 18.54 -5.24
C LYS A 212 -21.63 17.72 -5.15
N LEU A 213 -20.97 17.80 -4.00
CA LEU A 213 -19.73 17.06 -3.75
C LEU A 213 -20.01 15.58 -3.56
N LYS A 214 -21.05 15.29 -2.79
CA LYS A 214 -21.43 13.91 -2.53
C LYS A 214 -21.91 13.22 -3.79
N GLY A 215 -22.46 13.99 -4.72
CA GLY A 215 -22.95 13.39 -5.94
C GLY A 215 -21.82 13.05 -6.88
N MET A 216 -20.73 13.78 -6.72
CA MET A 216 -19.58 13.58 -7.57
C MET A 216 -18.58 12.55 -7.08
N ILE A 217 -18.31 12.56 -5.77
CA ILE A 217 -17.32 11.65 -5.18
C ILE A 217 -17.82 10.62 -4.17
N GLY A 218 -19.10 10.66 -3.83
CA GLY A 218 -19.62 9.69 -2.87
C GLY A 218 -19.72 10.25 -1.45
N GLU A 219 -20.62 9.67 -0.67
CA GLU A 219 -20.84 10.12 0.71
C GLU A 219 -19.65 9.96 1.66
N ALA A 220 -18.93 8.84 1.55
CA ALA A 220 -17.79 8.59 2.41
C ALA A 220 -16.64 9.59 2.19
N LYS A 221 -16.32 9.86 0.94
CA LYS A 221 -15.24 10.77 0.63
C LYS A 221 -15.60 12.24 0.91
N ALA A 222 -16.82 12.62 0.58
CA ALA A 222 -17.26 14.00 0.79
C ALA A 222 -17.16 14.29 2.30
N LYS A 223 -17.52 13.31 3.11
CA LYS A 223 -17.47 13.46 4.56
C LYS A 223 -16.02 13.46 5.03
N TYR A 224 -15.23 12.51 4.50
CA TYR A 224 -13.82 12.40 4.85
C TYR A 224 -13.15 13.74 4.61
N LEU A 225 -13.31 14.26 3.37
CA LEU A 225 -12.71 15.53 3.01
C LEU A 225 -13.25 16.68 3.85
N ILE A 226 -14.57 16.72 4.03
CA ILE A 226 -15.15 17.78 4.83
C ILE A 226 -14.64 17.75 6.28
N SER A 227 -14.61 16.57 6.89
CA SER A 227 -14.14 16.45 8.28
C SER A 227 -12.72 16.96 8.41
N LEU A 228 -11.92 16.78 7.36
CA LEU A 228 -10.54 17.27 7.42
C LEU A 228 -10.53 18.77 7.27
N ALA A 229 -11.43 19.29 6.43
CA ALA A 229 -11.50 20.74 6.19
C ALA A 229 -11.75 21.43 7.52
N ARG A 230 -12.78 20.99 8.24
CA ARG A 230 -13.14 21.54 9.53
C ARG A 230 -12.14 21.25 10.64
N ASP A 231 -11.07 20.52 10.33
CA ASP A 231 -10.08 20.15 11.36
C ASP A 231 -10.84 19.40 12.48
N GLU A 232 -11.72 18.49 12.07
CA GLU A 232 -12.55 17.70 12.98
C GLU A 232 -12.34 16.22 12.74
N TYR A 233 -11.32 15.91 11.98
CA TYR A 233 -11.02 14.56 11.63
C TYR A 233 -10.35 13.72 12.70
N ASN A 234 -10.97 12.62 13.05
CA ASN A 234 -10.36 11.71 14.02
C ASN A 234 -10.61 10.28 13.68
N GLU A 235 -9.53 9.52 13.74
CA GLU A 235 -9.62 8.12 13.50
C GLU A 235 -8.64 7.57 14.48
N PRO A 236 -9.13 6.68 15.32
CA PRO A 236 -8.34 6.03 16.34
C PRO A 236 -7.29 5.18 15.70
N ILE A 237 -6.16 5.08 16.38
CA ILE A 237 -5.08 4.26 15.92
C ILE A 237 -5.50 2.90 16.41
N ARG A 238 -5.73 1.96 15.51
CA ARG A 238 -6.17 0.67 15.96
C ARG A 238 -5.38 -0.49 15.39
N THR A 239 -5.24 -1.53 16.21
CA THR A 239 -4.54 -2.74 15.80
C THR A 239 -5.24 -3.19 14.54
N ARG A 240 -4.49 -3.33 13.45
CA ARG A 240 -5.11 -3.77 12.21
C ARG A 240 -5.11 -5.28 12.13
N VAL A 241 -6.20 -5.84 11.65
CA VAL A 241 -6.32 -7.28 11.51
C VAL A 241 -6.51 -7.59 10.04
N ARG A 242 -5.66 -8.44 9.50
CA ARG A 242 -5.75 -8.82 8.10
C ARG A 242 -7.16 -9.33 7.78
N LYS A 243 -7.74 -8.83 6.69
CA LYS A 243 -9.08 -9.22 6.32
C LYS A 243 -9.15 -10.19 5.15
N SER A 244 -8.05 -10.33 4.41
CA SER A 244 -8.04 -11.26 3.29
C SER A 244 -6.64 -11.61 2.88
N ILE A 245 -6.49 -12.77 2.25
CA ILE A 245 -5.19 -13.26 1.78
C ILE A 245 -5.41 -13.92 0.45
N GLY A 246 -4.54 -13.61 -0.52
CA GLY A 246 -4.69 -14.17 -1.85
C GLY A 246 -3.38 -14.18 -2.59
N ARG A 247 -3.43 -14.63 -3.83
CA ARG A 247 -2.24 -14.69 -4.66
C ARG A 247 -2.76 -14.59 -6.07
N ILE A 248 -1.99 -13.94 -6.93
CA ILE A 248 -2.40 -13.82 -8.33
C ILE A 248 -1.15 -13.95 -9.18
N VAL A 249 -1.29 -14.63 -10.30
CA VAL A 249 -0.16 -14.89 -11.17
C VAL A 249 -0.42 -14.43 -12.58
N THR A 250 0.65 -14.10 -13.30
CA THR A 250 0.50 -13.68 -14.69
C THR A 250 0.74 -14.94 -15.52
N MET A 251 -0.15 -15.18 -16.49
CA MET A 251 0.02 -16.35 -17.33
C MET A 251 1.03 -16.04 -18.42
N LYS A 252 1.79 -17.06 -18.78
CA LYS A 252 2.80 -16.92 -19.80
C LYS A 252 2.24 -16.33 -21.10
N ARG A 253 0.94 -16.47 -21.30
CA ARG A 253 0.23 -15.93 -22.46
C ARG A 253 -1.25 -15.91 -22.19
N ASN A 254 -1.91 -14.87 -22.67
CA ASN A 254 -3.35 -14.72 -22.47
C ASN A 254 -4.09 -15.95 -22.97
N SER A 255 -5.36 -16.08 -22.59
CA SER A 255 -6.20 -17.22 -22.98
C SER A 255 -7.57 -17.21 -22.34
N ARG A 256 -8.49 -18.03 -22.89
CA ARG A 256 -9.84 -18.17 -22.36
C ARG A 256 -10.13 -19.65 -22.21
N ASN A 257 -9.12 -20.47 -22.44
CA ASN A 257 -9.36 -21.89 -22.33
C ASN A 257 -9.11 -22.36 -20.91
N LEU A 258 -10.14 -22.97 -20.36
CA LEU A 258 -10.16 -23.47 -18.99
C LEU A 258 -9.07 -24.43 -18.56
N GLU A 259 -8.67 -25.34 -19.45
CA GLU A 259 -7.64 -26.29 -19.08
C GLU A 259 -6.26 -25.65 -19.10
N GLU A 260 -6.14 -24.50 -19.75
CA GLU A 260 -4.86 -23.81 -19.79
C GLU A 260 -4.71 -22.83 -18.63
N ILE A 261 -5.81 -22.53 -17.95
CA ILE A 261 -5.80 -21.60 -16.83
C ILE A 261 -5.71 -22.28 -15.47
N LYS A 262 -6.26 -23.47 -15.36
CA LYS A 262 -6.27 -24.22 -14.10
C LYS A 262 -4.93 -24.34 -13.38
N PRO A 263 -3.86 -24.70 -14.11
CA PRO A 263 -2.58 -24.82 -13.42
C PRO A 263 -2.26 -23.56 -12.62
N TYR A 264 -2.40 -22.41 -13.29
CA TYR A 264 -2.14 -21.12 -12.67
C TYR A 264 -3.06 -20.89 -11.48
N LEU A 265 -4.36 -21.02 -11.73
CA LEU A 265 -5.36 -20.86 -10.68
C LEU A 265 -5.03 -21.78 -9.50
N PHE A 266 -4.75 -23.04 -9.80
CA PHE A 266 -4.44 -24.01 -8.76
C PHE A 266 -3.18 -23.64 -8.00
N ARG A 267 -2.15 -23.16 -8.67
CA ARG A 267 -0.97 -22.80 -7.90
C ARG A 267 -1.28 -21.60 -7.00
N ALA A 268 -2.11 -20.71 -7.50
CA ALA A 268 -2.47 -19.53 -6.74
C ALA A 268 -3.08 -20.00 -5.43
N ILE A 269 -3.84 -21.08 -5.51
CA ILE A 269 -4.50 -21.63 -4.33
C ILE A 269 -3.52 -22.28 -3.36
N GLU A 270 -2.50 -22.93 -3.91
CA GLU A 270 -1.49 -23.59 -3.09
C GLU A 270 -0.78 -22.62 -2.19
N GLU A 271 -0.39 -21.49 -2.77
CA GLU A 271 0.32 -20.46 -2.05
C GLU A 271 -0.62 -19.72 -1.10
N SER A 272 -1.84 -19.47 -1.58
CA SER A 272 -2.83 -18.79 -0.77
C SER A 272 -3.04 -19.60 0.48
N TYR A 273 -3.28 -20.89 0.28
CA TYR A 273 -3.51 -21.77 1.39
C TYR A 273 -2.33 -21.84 2.32
N TYR A 274 -1.15 -21.71 1.76
CA TYR A 274 0.01 -21.72 2.59
C TYR A 274 -0.06 -20.56 3.55
N LYS A 275 -0.21 -19.36 2.99
CA LYS A 275 -0.27 -18.13 3.77
C LYS A 275 -1.43 -18.01 4.73
N LEU A 276 -2.56 -18.64 4.43
CA LEU A 276 -3.69 -18.55 5.35
C LEU A 276 -3.14 -18.95 6.70
N ASP A 277 -2.17 -19.86 6.65
CA ASP A 277 -1.56 -20.39 7.85
C ASP A 277 -2.66 -21.14 8.56
N LYS A 278 -3.04 -20.71 9.77
CA LYS A 278 -4.09 -21.44 10.45
C LYS A 278 -5.45 -20.77 10.32
N ARG A 279 -5.58 -19.86 9.37
CA ARG A 279 -6.85 -19.18 9.19
C ARG A 279 -7.78 -19.94 8.27
N ILE A 280 -9.05 -20.00 8.66
CA ILE A 280 -10.02 -20.71 7.86
C ILE A 280 -10.96 -19.70 7.24
N PRO A 281 -10.94 -19.60 5.92
CA PRO A 281 -11.81 -18.64 5.21
C PRO A 281 -13.16 -19.19 4.84
N LYS A 282 -14.14 -18.30 4.74
CA LYS A 282 -15.50 -18.70 4.38
C LYS A 282 -15.88 -18.11 3.04
N ALA A 283 -15.09 -17.16 2.56
CA ALA A 283 -15.35 -16.56 1.28
C ALA A 283 -14.13 -16.74 0.38
N ILE A 284 -14.38 -17.04 -0.87
CA ILE A 284 -13.30 -17.22 -1.79
C ILE A 284 -13.69 -16.38 -3.00
N HIS A 285 -12.70 -15.71 -3.58
CA HIS A 285 -12.96 -14.91 -4.77
C HIS A 285 -11.94 -15.26 -5.81
N VAL A 286 -12.37 -15.48 -7.04
CA VAL A 286 -11.41 -15.72 -8.09
C VAL A 286 -11.29 -14.39 -8.79
N VAL A 287 -10.07 -13.89 -8.90
CA VAL A 287 -9.80 -12.60 -9.52
C VAL A 287 -9.05 -12.80 -10.82
N ALA A 288 -9.59 -12.19 -11.87
CA ALA A 288 -9.03 -12.29 -13.19
C ALA A 288 -8.76 -10.90 -13.76
N VAL A 289 -7.56 -10.71 -14.30
CA VAL A 289 -7.16 -9.47 -14.91
C VAL A 289 -7.26 -9.72 -16.39
N THR A 290 -8.14 -8.99 -17.05
CA THR A 290 -8.36 -9.15 -18.47
C THR A 290 -7.23 -8.54 -19.31
N GLU A 291 -7.15 -8.99 -20.56
CA GLU A 291 -6.12 -8.53 -21.51
C GLU A 291 -5.88 -7.03 -21.54
N ASP A 292 -6.97 -6.26 -21.41
CA ASP A 292 -6.91 -4.81 -21.42
C ASP A 292 -6.73 -4.30 -19.98
N LEU A 293 -6.16 -5.14 -19.14
CA LEU A 293 -5.90 -4.80 -17.74
C LEU A 293 -7.12 -4.46 -16.87
N ASP A 294 -8.28 -5.00 -17.25
CA ASP A 294 -9.48 -4.78 -16.47
C ASP A 294 -9.51 -5.84 -15.38
N ILE A 295 -10.49 -5.76 -14.47
CA ILE A 295 -10.58 -6.72 -13.38
C ILE A 295 -11.98 -7.25 -13.16
N VAL A 296 -12.16 -8.55 -13.34
CA VAL A 296 -13.45 -9.16 -13.14
C VAL A 296 -13.27 -10.17 -12.04
N SER A 297 -14.29 -10.39 -11.23
CA SER A 297 -14.12 -11.36 -10.18
C SER A 297 -15.45 -11.94 -9.77
N ARG A 298 -15.38 -13.17 -9.28
CA ARG A 298 -16.55 -13.89 -8.81
C ARG A 298 -16.19 -14.49 -7.50
N GLY A 299 -17.09 -14.35 -6.56
CA GLY A 299 -16.81 -14.89 -5.24
C GLY A 299 -17.99 -15.67 -4.78
N ARG A 300 -17.79 -16.31 -3.63
CA ARG A 300 -18.80 -17.14 -3.04
C ARG A 300 -18.56 -17.19 -1.54
N THR A 301 -19.63 -17.14 -0.77
CA THR A 301 -19.45 -17.23 0.67
C THR A 301 -20.15 -18.51 1.14
N PHE A 302 -19.47 -19.26 1.98
CA PHE A 302 -20.02 -20.50 2.50
C PHE A 302 -20.35 -20.30 3.95
N PRO A 303 -21.28 -21.11 4.47
CA PRO A 303 -21.62 -20.98 5.88
C PRO A 303 -20.63 -21.75 6.75
N HIS A 304 -19.51 -22.14 6.16
CA HIS A 304 -18.49 -22.89 6.91
C HIS A 304 -17.11 -22.64 6.34
N GLY A 305 -16.11 -23.16 7.01
CA GLY A 305 -14.75 -23.00 6.53
C GLY A 305 -14.60 -23.74 5.21
N ILE A 306 -13.72 -23.22 4.34
CA ILE A 306 -13.48 -23.82 3.03
C ILE A 306 -12.21 -24.64 3.07
N SER A 307 -12.31 -25.94 2.78
CA SER A 307 -11.12 -26.80 2.80
C SER A 307 -10.39 -26.58 1.47
N LYS A 308 -9.10 -26.90 1.44
CA LYS A 308 -8.35 -26.70 0.21
C LYS A 308 -9.06 -27.43 -0.89
N GLU A 309 -9.60 -28.58 -0.53
CA GLU A 309 -10.29 -29.36 -1.52
C GLU A 309 -11.48 -28.60 -2.10
N THR A 310 -12.32 -28.04 -1.24
CA THR A 310 -13.48 -27.28 -1.68
C THR A 310 -13.05 -26.01 -2.43
N ALA A 311 -11.96 -25.40 -1.97
CA ALA A 311 -11.45 -24.20 -2.63
C ALA A 311 -11.12 -24.50 -4.10
N TYR A 312 -10.52 -25.66 -4.31
CA TYR A 312 -10.16 -26.10 -5.64
C TYR A 312 -11.38 -26.17 -6.54
N SER A 313 -12.38 -26.91 -6.09
CA SER A 313 -13.62 -27.11 -6.85
C SER A 313 -14.41 -25.83 -7.08
N GLU A 314 -14.62 -25.07 -6.01
CA GLU A 314 -15.37 -23.84 -6.13
C GLU A 314 -14.72 -22.82 -7.06
N SER A 315 -13.38 -22.74 -7.02
CA SER A 315 -12.63 -21.80 -7.85
C SER A 315 -12.87 -22.07 -9.34
N VAL A 316 -12.98 -23.33 -9.71
CA VAL A 316 -13.21 -23.68 -11.10
C VAL A 316 -14.58 -23.14 -11.57
N LYS A 317 -15.57 -23.17 -10.69
CA LYS A 317 -16.90 -22.64 -11.02
C LYS A 317 -16.92 -21.16 -11.20
N LEU A 318 -16.31 -20.48 -10.23
CA LEU A 318 -16.23 -19.03 -10.26
C LEU A 318 -15.50 -18.64 -11.53
N LEU A 319 -14.40 -19.33 -11.86
CA LEU A 319 -13.66 -19.02 -13.08
C LEU A 319 -14.55 -19.23 -14.29
N GLN A 320 -15.26 -20.36 -14.27
CA GLN A 320 -16.18 -20.70 -15.35
C GLN A 320 -17.16 -19.57 -15.55
N LYS A 321 -17.79 -19.20 -14.44
CA LYS A 321 -18.74 -18.11 -14.43
C LYS A 321 -18.11 -16.89 -15.06
N ILE A 322 -16.92 -16.54 -14.59
CA ILE A 322 -16.23 -15.38 -15.12
C ILE A 322 -16.16 -15.46 -16.62
N LEU A 323 -15.52 -16.52 -17.10
CA LEU A 323 -15.35 -16.73 -18.52
C LEU A 323 -16.67 -16.64 -19.27
N GLU A 324 -17.66 -17.33 -18.73
CA GLU A 324 -18.97 -17.39 -19.33
C GLU A 324 -19.80 -16.09 -19.23
N GLU A 325 -19.34 -15.13 -18.44
CA GLU A 325 -20.07 -13.87 -18.30
C GLU A 325 -19.29 -12.70 -18.87
N ASP A 326 -18.15 -12.99 -19.47
CA ASP A 326 -17.29 -11.98 -20.08
C ASP A 326 -16.59 -12.68 -21.25
N GLU A 327 -16.46 -12.00 -22.37
CA GLU A 327 -15.83 -12.61 -23.53
C GLU A 327 -14.38 -12.21 -23.79
N ARG A 328 -13.70 -11.68 -22.77
CA ARG A 328 -12.32 -11.27 -22.94
C ARG A 328 -11.33 -12.33 -22.48
N LYS A 329 -10.10 -12.24 -22.97
CA LYS A 329 -9.07 -13.19 -22.59
C LYS A 329 -8.35 -12.74 -21.33
N ILE A 330 -8.08 -13.68 -20.45
CA ILE A 330 -7.43 -13.43 -19.20
C ILE A 330 -5.93 -13.30 -19.35
N ARG A 331 -5.32 -12.55 -18.44
CA ARG A 331 -3.88 -12.32 -18.47
C ARG A 331 -3.27 -12.71 -17.15
N ARG A 332 -4.07 -12.62 -16.10
CA ARG A 332 -3.62 -12.98 -14.77
C ARG A 332 -4.81 -13.65 -14.12
N ILE A 333 -4.52 -14.56 -13.19
CA ILE A 333 -5.57 -15.26 -12.48
C ILE A 333 -5.07 -15.39 -11.06
N GLY A 334 -6.01 -15.36 -10.12
CA GLY A 334 -5.62 -15.46 -8.73
C GLY A 334 -6.85 -15.72 -7.91
N VAL A 335 -6.65 -15.89 -6.61
CA VAL A 335 -7.73 -16.15 -5.70
C VAL A 335 -7.48 -15.30 -4.45
N ARG A 336 -8.57 -14.95 -3.76
CA ARG A 336 -8.46 -14.17 -2.55
C ARG A 336 -9.40 -14.81 -1.54
N PHE A 337 -8.90 -15.05 -0.34
CA PHE A 337 -9.67 -15.66 0.70
C PHE A 337 -10.01 -14.67 1.81
N SER A 338 -11.24 -14.75 2.33
CA SER A 338 -11.65 -13.82 3.36
C SER A 338 -12.66 -14.38 4.33
N LYS A 339 -13.16 -13.50 5.20
CA LYS A 339 -14.12 -13.81 6.25
C LYS A 339 -13.64 -15.00 7.05
N PHE A 340 -12.54 -14.79 7.75
CA PHE A 340 -11.93 -15.82 8.57
C PHE A 340 -12.71 -16.07 9.85
N ILE A 341 -12.85 -17.34 10.22
CA ILE A 341 -13.55 -17.70 11.44
C ILE A 341 -12.78 -17.09 12.61
F5 0G4 D . 3.79 1.77 -4.66
F5 0G4 D . 3.59 1.93 -4.41
C5 0G4 D . 4.15 0.49 -4.62
C5 0G4 D . 3.98 0.67 -4.54
C4 0G4 D . 3.88 -0.37 -5.78
C4 0G4 D . 3.80 -0.02 -5.83
N4 0G4 D . 3.27 0.12 -6.90
N4 0G4 D . 3.24 0.62 -6.89
N3 0G4 D . 4.26 -1.63 -5.69
N3 0G4 D . 4.23 -1.28 -5.90
C2 0G4 D . 4.86 -2.10 -4.59
C2 0G4 D . 4.78 -1.88 -4.84
O2 0G4 D . 5.21 -3.28 -4.55
O2 0G4 D . 5.16 -3.05 -4.94
C6 0G4 D . 4.77 -0.06 -3.51
C6 0G4 D . 4.57 -0.02 -3.48
N1 0G4 D . 5.11 -1.34 -3.54
N1 0G4 D . 4.95 -1.27 -3.68
C1' 0G4 D . 5.74 -1.93 -2.38
C1' 0G4 D . 5.55 -2.01 -2.58
O4' 0G4 D . 6.68 -0.98 -1.87
O4' 0G4 D . 6.41 -1.12 -1.89
C2' 0G4 D . 4.65 -2.26 -1.36
C2' 0G4 D . 4.41 -2.51 -1.68
S3' 0G4 D . 5.30 -1.57 0.12
S3' 0G4 D . 4.96 -2.02 -0.09
C4' 0G4 D . 6.83 -0.99 -0.46
C4' 0G4 D . 6.50 -1.32 -0.49
C5' 0G4 D . 7.03 0.46 -0.06
C5' 0G4 D . 6.53 0.11 0.05
O5' 0G4 D . 8.18 0.97 -0.79
O5' 0G4 D . 5.89 0.95 -0.91
PA 0G4 D . 8.65 2.52 -0.70
PA 0G4 D . 5.64 2.50 -0.60
O1A 0G4 D . 8.72 2.86 0.82
O1A 0G4 D . 5.28 3.15 -1.93
O2A 0G4 D . 9.79 2.81 -1.60
O2A 0G4 D . 4.74 2.62 0.60
O3A 0G4 D . 7.36 3.22 -1.37
O3A 0G4 D . 7.10 3.12 -0.20
PB 0G4 D . 6.89 4.66 -0.81
PB 0G4 D . 7.60 4.60 -0.66
O2B 0G4 D . 6.83 4.51 0.81
O2B 0G4 D . 7.70 5.50 0.69
O1B 0G4 D . 5.65 5.02 -1.59
O1B 0G4 D . 6.65 5.05 -1.83
N3B 0G4 D . 8.08 5.72 -1.24
N3B 0G4 D . 8.94 4.41 -1.39
PG 0G4 D . 9.12 6.09 -0.01
PG 0G4 D . 9.90 2.97 -0.74
O3G 0G4 D . 8.65 5.20 1.15
O3G 0G4 D . 8.70 2.05 -0.28
O1G 0G4 D . 10.48 5.72 -0.57
O1G 0G4 D . 10.56 2.40 -2.00
O2C 0G4 D . 8.92 7.56 0.22
O2C 0G4 D . 10.91 3.71 0.28
CA CA E . 4.90 4.26 2.35
CA CA F . 8.46 3.87 2.67
CA CA G . -2.07 12.15 -5.04
#